data_8DT3
#
_entry.id   8DT3
#
_cell.length_a   1.00
_cell.length_b   1.00
_cell.length_c   1.00
_cell.angle_alpha   90.00
_cell.angle_beta   90.00
_cell.angle_gamma   90.00
#
_symmetry.space_group_name_H-M   'P 1'
#
loop_
_entity.id
_entity.type
_entity.pdbx_description
1 polymer 'Spike glycoprotein'
2 polymer 'Heavy chain Fab of SW186'
3 polymer 'Light chain Fab of SW186'
4 branched 2-acetamido-2-deoxy-beta-D-glucopyranose-(1-4)-[alpha-L-fucopyranose-(1-6)]2-acetamido-2-deoxy-beta-D-glucopyranose
#
loop_
_entity_poly.entity_id
_entity_poly.type
_entity_poly.pdbx_seq_one_letter_code
_entity_poly.pdbx_strand_id
1 'polypeptide(L)'
;MFVFLVLLPLVSSQCVNLTTRTQLPPAYTNSFTRGVYYPDKVFRSSVLHSTQDLFLPFFSNVTWFHAIHVSGTNGTKRFD
NPVLPFNDGVYFASTEKSNIIRGWIFGTTLDSKTQSLLIVNNATNVVIKVCEFQFCNDPFLGVYYHKNNKSWMESEFRVY
SSANNCTFEYVSQPFLMDLEGKQGNFKNLREFVFKNIDGYFKIYSKHTPINLVRDLPQGFSALEPLVDLPIGINITRFQT
LLALHRSYLTPGDSSSGWTAGAAAYYVGYLQPRTFLLKYNENGTITDAVDCALDPLSETKCTLKSFTVEKGIYQTSNFRV
QPTESIVRFPNITNLCPFGEVFNATRFASVYAWNRKRISNCVADYSVLYNSASFSTFKCYGVSPTKLNDLCFTNVYADSF
VIRGDEVRQIAPGQTGKIADYNYKLPDDFTGCVIAWNSNNLDSKVGGNYNYLYRLFRKSNLKPFERDISTEIYQAGSTPC
NGVEGFNCYFPLQSYGFQPTNGVGYQPYRVVVLSFELLHAPATVCGPKKSTNLVKNKCVNFNFNGLTGTGVLTESNKKFL
PFQQFGRDIADTTDAVRDPQTLEILDITPCSFGGVSVITPGTNTSNQVAVLYQDVNCTEVPVAIHADQLTPTWRVYSTGS
NVFQTRAGCLIGAEHVNNSYECDIPIGAGICASYQTQTNSPRRARSVASQSIIAYTMSLGAENSVAYSNNSIAIPTNFTI
SVTTEILPVSMTKTSVDCTMYICGDSTECSNLLLQYGSFCTQLNRALTGIAVEQDKNTQEVFAQVKQIYKTPPIKDFGGF
NFSQILPDPSKPSKRSFIEDLLFNKVTLADAGFIKQYGDCLGDIAARDLICAQKFNGLTVLPPLLTDEMIAQYTSALLAG
TITSGWTFGAGAALQIPFAMQMAYRFNGIGVTQNVLYENQKLIANQFNSAIGKIQDSLSSTASALGKLQDVVNQNAQALN
TLVKQLSSNFGAISSVLNDILSRLDKVEAEVQIDRLITGRLQSLQTYVTQQLIRAAEIRASANLAATKMSECVLGQSKRV
DFCGKGYHLMSFPQSAPHGVVFLHVTYVPAQEKNFTTAPAICHDGKAHFPREGVFVSNGTHWFVTQRNFYEPQIITTDNT
FVSGNCDVVIGIVNNTVYDPLQPELDSFKEELDKYFKNHTSPDVDLGDISGINASVVNIQKEIDRLNEVAKNLNESLIDL
QELGKYEQYIKWPWYIWLGFIAGLIAIVMVTIMLCCMTSCCSCLKGCCSCGSCCKFDEDDSEPVLKGVKLHYTHHHHHHH
H
;
C
2 'polypeptide(L)'
;QVQLQQSGAELVKPGASVKISCKASGVAFSSYWMNWVKQRPGKGLEWIGQIYPGDGDTNYNGKFKGKATLTADKSSSTAY
MQLSSLSSEDSAVYFCARGFIATVEETMDYWGQGTSVTVSSASTKGPSVFPLAPSSKSTSGGTAALGCLVKDYFPEPVTV
SWNSGALTSGVHTFPAVLQSSGLYSLSSVVTVPSSSLGTQTYICNVNHKPSNTKVDKKVEPKSCDKTHTCAA
;
H
3 'polypeptide(L)'
;DIQMTQTTSSLSASLGDRVTISCRASQDISNYLNWYQQKPDGTVKLLIYYTSRLHSGVPSRFSGSGSGTDYSLTISNLEQ
EDIATYFCQQSHTLPWTFGGGTKLEIKRTVAAPSVFIFPPSDEQLKSGTASVVCLLNNFYPREAKVQWKVDNALQSGNSQ
ESVTEQDSKDSTYSLSSTLTLSKADYEKHKVYACEVTHQGLSSPVTKSFNRGRVLARASPSPSPSLSREAC
;
L
#
loop_
_chem_comp.id
_chem_comp.type
_chem_comp.name
_chem_comp.formula
FUC L-saccharide, alpha linking alpha-L-fucopyranose 'C6 H12 O5'
NAG D-saccharide, beta linking 2-acetamido-2-deoxy-beta-D-glucopyranose 'C8 H15 N O6'
#
# COMPACT_ATOMS: atom_id res chain seq x y z
N THR A 333 -14.55 -4.29 18.75
CA THR A 333 -15.19 -3.35 17.83
C THR A 333 -14.16 -2.55 17.06
N ASN A 334 -12.95 -2.49 17.60
CA ASN A 334 -11.87 -1.77 16.96
C ASN A 334 -11.45 -2.47 15.66
N LEU A 335 -10.95 -1.68 14.72
CA LEU A 335 -10.46 -2.17 13.44
C LEU A 335 -8.96 -1.93 13.36
N CYS A 336 -8.18 -3.01 13.51
CA CYS A 336 -6.74 -2.88 13.41
C CYS A 336 -6.34 -2.58 11.96
N PRO A 337 -5.29 -1.78 11.77
CA PRO A 337 -5.11 -1.08 10.49
C PRO A 337 -4.95 -1.99 9.28
N PHE A 338 -3.93 -2.84 9.29
CA PHE A 338 -3.43 -3.51 8.10
C PHE A 338 -3.01 -2.52 7.01
N GLY A 339 -2.97 -1.23 7.34
CA GLY A 339 -2.57 -0.21 6.40
C GLY A 339 -1.07 -0.04 6.40
N GLU A 340 -0.48 0.32 7.54
CA GLU A 340 0.96 0.48 7.56
C GLU A 340 1.70 -0.83 7.37
N VAL A 341 1.01 -1.97 7.43
CA VAL A 341 1.63 -3.24 7.09
C VAL A 341 1.67 -3.43 5.57
N PHE A 342 0.55 -3.17 4.91
CA PHE A 342 0.43 -3.37 3.46
C PHE A 342 0.59 -2.07 2.68
N ASN A 343 -0.12 -1.03 3.12
CA ASN A 343 -0.24 0.20 2.34
C ASN A 343 0.95 1.10 2.60
N ALA A 344 2.16 0.53 2.60
CA ALA A 344 3.35 1.23 3.05
C ALA A 344 4.20 1.63 1.84
N THR A 345 4.59 2.90 1.78
CA THR A 345 5.30 3.41 0.62
C THR A 345 6.73 2.89 0.52
N ARG A 346 7.26 2.26 1.58
CA ARG A 346 8.63 1.78 1.54
C ARG A 346 8.78 0.64 2.55
N PHE A 347 8.81 -0.59 2.04
CA PHE A 347 9.09 -1.73 2.91
C PHE A 347 10.56 -1.77 3.29
N ALA A 348 10.83 -2.44 4.40
CA ALA A 348 12.20 -2.59 4.89
C ALA A 348 12.92 -3.70 4.14
N SER A 349 14.25 -3.69 4.26
CA SER A 349 15.05 -4.74 3.64
C SER A 349 14.80 -6.08 4.34
N VAL A 350 15.13 -7.16 3.64
CA VAL A 350 14.89 -8.49 4.18
C VAL A 350 15.73 -8.71 5.45
N TYR A 351 16.99 -8.27 5.43
CA TYR A 351 17.83 -8.45 6.61
C TYR A 351 17.35 -7.61 7.79
N ALA A 352 16.54 -6.59 7.53
CA ALA A 352 15.98 -5.77 8.60
C ALA A 352 14.46 -5.83 8.54
N TRP A 353 13.91 -7.03 8.40
CA TRP A 353 12.48 -7.21 8.19
C TRP A 353 11.68 -6.54 9.31
N ASN A 354 10.70 -5.74 8.90
CA ASN A 354 9.92 -4.97 9.86
C ASN A 354 8.93 -5.86 10.60
N ARG A 355 8.91 -5.71 11.92
CA ARG A 355 8.08 -6.51 12.82
C ARG A 355 7.02 -5.62 13.46
N LYS A 356 5.76 -6.01 13.35
CA LYS A 356 4.66 -5.24 13.93
C LYS A 356 3.73 -6.16 14.70
N ARG A 357 3.19 -5.64 15.80
CA ARG A 357 2.24 -6.37 16.63
C ARG A 357 0.84 -5.80 16.45
N ILE A 358 -0.14 -6.69 16.34
CA ILE A 358 -1.54 -6.31 16.15
C ILE A 358 -2.35 -6.90 17.30
N SER A 359 -3.16 -6.07 17.94
CA SER A 359 -3.93 -6.54 19.08
C SER A 359 -5.21 -5.73 19.21
N ASN A 360 -6.22 -6.36 19.83
CA ASN A 360 -7.47 -5.70 20.21
C ASN A 360 -8.17 -5.08 19.00
N CYS A 361 -8.59 -5.96 18.08
CA CYS A 361 -9.25 -5.45 16.88
C CYS A 361 -10.21 -6.51 16.34
N VAL A 362 -11.11 -6.05 15.47
CA VAL A 362 -11.94 -6.96 14.68
C VAL A 362 -11.20 -7.13 13.35
N ALA A 363 -10.34 -8.14 13.31
CA ALA A 363 -9.46 -8.36 12.16
C ALA A 363 -10.28 -8.93 11.01
N ASP A 364 -10.92 -8.03 10.27
CA ASP A 364 -11.68 -8.41 9.08
C ASP A 364 -10.71 -8.50 7.90
N TYR A 365 -10.01 -9.62 7.84
CA TYR A 365 -9.01 -9.84 6.79
C TYR A 365 -9.64 -10.09 5.45
N SER A 366 -10.97 -10.00 5.35
CA SER A 366 -11.66 -10.34 4.11
C SER A 366 -11.21 -9.49 2.94
N VAL A 367 -10.61 -8.33 3.21
CA VAL A 367 -10.00 -7.54 2.14
C VAL A 367 -8.84 -8.31 1.52
N LEU A 368 -8.10 -9.07 2.34
CA LEU A 368 -6.85 -9.67 1.89
C LEU A 368 -7.03 -10.80 0.90
N TYR A 369 -8.25 -11.30 0.67
CA TYR A 369 -8.43 -12.28 -0.39
C TYR A 369 -8.11 -11.69 -1.75
N ASN A 370 -8.64 -10.50 -2.05
CA ASN A 370 -8.61 -9.99 -3.41
C ASN A 370 -8.34 -8.50 -3.53
N SER A 371 -8.06 -7.80 -2.44
CA SER A 371 -7.82 -6.36 -2.54
C SER A 371 -6.55 -6.04 -3.33
N ALA A 372 -5.68 -7.02 -3.53
CA ALA A 372 -4.44 -6.77 -4.25
C ALA A 372 -4.10 -7.84 -5.28
N SER A 373 -4.76 -8.99 -5.30
CA SER A 373 -4.47 -10.07 -6.22
C SER A 373 -3.00 -10.50 -6.11
N PHE A 374 -2.65 -11.01 -4.94
CA PHE A 374 -1.28 -11.40 -4.66
C PHE A 374 -0.86 -12.58 -5.53
N SER A 375 0.42 -12.59 -5.93
CA SER A 375 0.94 -13.72 -6.66
C SER A 375 0.95 -14.98 -5.80
N THR A 376 1.37 -14.85 -4.54
CA THR A 376 1.42 -15.97 -3.62
C THR A 376 0.63 -15.63 -2.37
N PHE A 377 -0.28 -16.52 -1.97
CA PHE A 377 -1.05 -16.32 -0.75
C PHE A 377 -1.35 -17.72 -0.21
N LYS A 378 -0.47 -18.20 0.67
CA LYS A 378 -0.56 -19.59 1.11
C LYS A 378 -0.58 -19.65 2.63
N CYS A 379 -1.44 -20.51 3.17
CA CYS A 379 -1.63 -20.61 4.61
C CYS A 379 -1.47 -22.04 5.08
N TYR A 380 -0.69 -22.22 6.14
CA TYR A 380 -0.26 -23.54 6.60
C TYR A 380 -1.16 -24.07 7.72
N GLY A 381 -1.22 -23.34 8.84
CA GLY A 381 -1.92 -23.85 10.01
C GLY A 381 -3.43 -23.82 9.91
N VAL A 382 -3.97 -23.14 8.90
CA VAL A 382 -5.42 -23.02 8.76
C VAL A 382 -5.71 -22.55 7.34
N SER A 383 -6.81 -23.06 6.78
CA SER A 383 -7.25 -22.57 5.49
C SER A 383 -7.62 -21.09 5.58
N PRO A 384 -7.34 -20.31 4.55
CA PRO A 384 -7.65 -18.86 4.63
C PRO A 384 -9.13 -18.58 4.85
N THR A 385 -10.01 -19.44 4.32
CA THR A 385 -11.44 -19.21 4.48
C THR A 385 -11.88 -19.34 5.92
N LYS A 386 -11.34 -20.32 6.65
CA LYS A 386 -11.77 -20.55 8.03
C LYS A 386 -11.23 -19.49 8.98
N LEU A 387 -10.29 -18.66 8.54
CA LEU A 387 -9.62 -17.73 9.44
C LEU A 387 -10.58 -16.72 10.06
N ASN A 388 -11.77 -16.54 9.48
CA ASN A 388 -12.75 -15.62 10.04
C ASN A 388 -13.41 -16.15 11.30
N ASP A 389 -13.17 -17.40 11.67
CA ASP A 389 -13.85 -18.02 12.80
C ASP A 389 -12.89 -18.42 13.91
N LEU A 390 -11.69 -17.84 13.92
CA LEU A 390 -10.67 -18.18 14.89
C LEU A 390 -10.20 -16.92 15.60
N CYS A 391 -10.15 -16.96 16.93
CA CYS A 391 -9.72 -15.83 17.74
C CYS A 391 -8.33 -16.10 18.30
N PHE A 392 -7.47 -15.09 18.22
CA PHE A 392 -6.05 -15.21 18.52
C PHE A 392 -5.73 -14.51 19.83
N THR A 393 -4.49 -14.67 20.30
CA THR A 393 -4.00 -13.92 21.44
C THR A 393 -2.95 -12.88 21.05
N ASN A 394 -2.16 -13.18 20.03
CA ASN A 394 -1.16 -12.26 19.51
C ASN A 394 -1.02 -12.45 18.01
N VAL A 395 -0.84 -11.35 17.30
CA VAL A 395 -0.62 -11.37 15.85
C VAL A 395 0.63 -10.56 15.56
N TYR A 396 1.54 -11.14 14.79
CA TYR A 396 2.77 -10.47 14.38
C TYR A 396 2.86 -10.47 12.87
N ALA A 397 3.13 -9.31 12.30
CA ALA A 397 3.27 -9.14 10.86
C ALA A 397 4.71 -8.76 10.53
N ASP A 398 5.31 -9.51 9.61
CA ASP A 398 6.67 -9.27 9.14
C ASP A 398 6.59 -8.79 7.69
N SER A 399 7.14 -7.60 7.44
CA SER A 399 7.11 -7.01 6.11
C SER A 399 8.53 -6.81 5.62
N PHE A 400 8.80 -7.22 4.39
CA PHE A 400 10.10 -6.97 3.78
C PHE A 400 9.98 -7.16 2.27
N VAL A 401 11.11 -7.09 1.57
CA VAL A 401 11.16 -7.23 0.12
C VAL A 401 12.30 -8.18 -0.22
N ILE A 402 12.01 -9.16 -1.09
CA ILE A 402 13.00 -10.17 -1.47
C ILE A 402 13.00 -10.33 -2.98
N ARG A 403 14.06 -10.97 -3.47
CA ARG A 403 14.17 -11.28 -4.89
C ARG A 403 13.05 -12.22 -5.30
N GLY A 404 12.61 -12.10 -6.55
CA GLY A 404 11.48 -12.84 -7.05
C GLY A 404 11.53 -14.34 -6.84
N ASP A 405 12.43 -15.01 -7.54
CA ASP A 405 12.54 -16.46 -7.45
C ASP A 405 12.84 -16.94 -6.03
N GLU A 406 13.12 -16.03 -5.11
CA GLU A 406 13.45 -16.38 -3.74
C GLU A 406 12.21 -16.44 -2.84
N VAL A 407 11.02 -16.20 -3.39
CA VAL A 407 9.81 -16.20 -2.57
C VAL A 407 9.60 -17.57 -1.93
N ARG A 408 9.91 -18.64 -2.65
CA ARG A 408 9.75 -19.98 -2.11
C ARG A 408 10.63 -20.22 -0.88
N GLN A 409 11.63 -19.38 -0.66
CA GLN A 409 12.45 -19.50 0.53
C GLN A 409 11.65 -19.23 1.79
N ILE A 410 10.56 -18.45 1.68
CA ILE A 410 9.84 -18.00 2.87
C ILE A 410 9.08 -19.14 3.54
N ALA A 411 8.79 -20.21 2.80
CA ALA A 411 8.10 -21.35 3.40
C ALA A 411 8.97 -21.98 4.48
N PRO A 412 8.36 -22.55 5.52
CA PRO A 412 9.15 -23.20 6.57
C PRO A 412 9.88 -24.42 6.05
N GLY A 413 11.00 -24.73 6.70
CA GLY A 413 11.80 -25.87 6.31
C GLY A 413 12.44 -25.75 4.94
N GLN A 414 13.00 -24.58 4.65
CA GLN A 414 13.70 -24.33 3.41
C GLN A 414 15.12 -23.88 3.70
N THR A 415 15.96 -23.91 2.67
CA THR A 415 17.36 -23.57 2.79
C THR A 415 17.75 -22.59 1.69
N GLY A 416 18.83 -21.86 1.92
CA GLY A 416 19.30 -20.83 1.02
C GLY A 416 19.62 -19.55 1.75
N LYS A 417 20.15 -18.59 0.98
CA LYS A 417 20.64 -17.35 1.57
C LYS A 417 19.54 -16.62 2.34
N ILE A 418 18.38 -16.45 1.71
CA ILE A 418 17.28 -15.73 2.35
C ILE A 418 16.78 -16.49 3.57
N ALA A 419 16.60 -17.81 3.42
CA ALA A 419 15.97 -18.61 4.46
C ALA A 419 16.96 -19.05 5.54
N ASP A 420 18.24 -18.71 5.42
CA ASP A 420 19.23 -19.15 6.39
C ASP A 420 20.07 -18.03 6.97
N TYR A 421 20.20 -16.90 6.29
CA TYR A 421 21.11 -15.85 6.72
C TYR A 421 20.43 -14.58 7.23
N ASN A 422 19.19 -14.31 6.83
CA ASN A 422 18.53 -13.11 7.30
C ASN A 422 17.06 -13.28 7.64
N TYR A 423 16.47 -14.46 7.43
CA TYR A 423 15.08 -14.70 7.83
C TYR A 423 14.76 -16.19 7.84
N LYS A 424 14.27 -16.71 8.96
CA LYS A 424 13.93 -18.12 9.06
C LYS A 424 12.62 -18.29 9.80
N LEU A 425 11.80 -19.25 9.36
CA LEU A 425 10.54 -19.59 9.99
C LEU A 425 10.66 -20.93 10.73
N PRO A 426 9.92 -21.11 11.81
CA PRO A 426 9.95 -22.40 12.52
C PRO A 426 9.28 -23.49 11.72
N ASP A 427 9.64 -24.74 12.04
CA ASP A 427 9.04 -25.88 11.37
C ASP A 427 7.54 -25.96 11.65
N ASP A 428 7.15 -25.68 12.90
CA ASP A 428 5.75 -25.70 13.30
C ASP A 428 5.08 -24.35 13.09
N PHE A 429 5.55 -23.57 12.13
CA PHE A 429 5.05 -22.22 11.92
C PHE A 429 3.56 -22.23 11.60
N THR A 430 2.82 -21.38 12.29
CA THR A 430 1.43 -21.08 11.99
C THR A 430 1.31 -19.61 11.60
N GLY A 431 0.13 -19.23 11.15
CA GLY A 431 0.01 -17.98 10.42
C GLY A 431 0.38 -18.24 8.98
N CYS A 432 0.46 -17.25 8.12
CA CYS A 432 0.69 -17.59 6.73
C CYS A 432 1.24 -16.43 5.93
N VAL A 433 1.57 -16.72 4.66
CA VAL A 433 2.50 -15.92 3.88
C VAL A 433 1.78 -15.31 2.68
N ILE A 434 2.01 -14.01 2.48
CA ILE A 434 1.48 -13.25 1.36
C ILE A 434 2.66 -12.60 0.65
N ALA A 435 2.68 -12.67 -0.67
CA ALA A 435 3.77 -12.09 -1.44
C ALA A 435 3.23 -11.65 -2.79
N TRP A 436 3.59 -10.43 -3.19
CA TRP A 436 3.12 -9.89 -4.46
C TRP A 436 4.23 -9.13 -5.16
N ASN A 437 4.19 -9.15 -6.49
CA ASN A 437 5.20 -8.47 -7.28
C ASN A 437 5.09 -6.95 -7.09
N SER A 438 6.25 -6.30 -6.97
CA SER A 438 6.31 -4.86 -6.77
C SER A 438 7.41 -4.25 -7.63
N ASN A 439 7.46 -4.65 -8.91
CA ASN A 439 8.49 -4.12 -9.79
C ASN A 439 8.37 -2.61 -9.96
N ASN A 440 7.13 -2.12 -10.16
CA ASN A 440 6.95 -0.69 -10.39
C ASN A 440 7.34 0.13 -9.17
N LEU A 441 6.97 -0.33 -7.97
CA LEU A 441 7.17 0.47 -6.77
C LEU A 441 8.64 0.53 -6.38
N ASP A 442 9.32 -0.60 -6.41
CA ASP A 442 10.65 -0.72 -5.82
C ASP A 442 11.78 -0.55 -6.81
N SER A 443 11.62 -1.01 -8.05
CA SER A 443 12.71 -0.95 -9.01
C SER A 443 13.01 0.48 -9.42
N LYS A 444 14.29 0.77 -9.64
CA LYS A 444 14.76 2.06 -10.10
C LYS A 444 15.54 1.87 -11.39
N VAL A 445 15.45 2.86 -12.27
CA VAL A 445 16.08 2.75 -13.59
C VAL A 445 17.58 2.56 -13.45
N GLY A 446 18.20 3.33 -12.57
CA GLY A 446 19.62 3.17 -12.33
C GLY A 446 19.99 2.05 -11.38
N GLY A 447 19.01 1.31 -10.88
CA GLY A 447 19.28 0.25 -9.94
C GLY A 447 19.02 0.68 -8.51
N ASN A 448 18.00 0.12 -7.89
CA ASN A 448 17.65 0.51 -6.52
C ASN A 448 18.75 0.09 -5.55
N TYR A 449 18.89 0.87 -4.49
CA TYR A 449 19.95 0.66 -3.51
C TYR A 449 19.46 0.68 -2.07
N ASN A 450 18.18 0.96 -1.83
CA ASN A 450 17.67 0.95 -0.47
C ASN A 450 17.56 -0.46 0.08
N TYR A 451 17.28 -1.43 -0.78
CA TYR A 451 17.03 -2.79 -0.33
C TYR A 451 18.34 -3.58 -0.29
N LEU A 452 18.63 -4.14 0.88
CA LEU A 452 19.87 -4.87 1.13
C LEU A 452 19.53 -6.32 1.50
N TYR A 453 20.58 -7.14 1.59
CA TYR A 453 20.42 -8.50 2.09
C TYR A 453 21.78 -8.99 2.57
N ARG A 454 21.74 -9.89 3.55
CA ARG A 454 22.96 -10.44 4.15
C ARG A 454 23.41 -11.66 3.37
N LEU A 455 24.60 -11.59 2.77
CA LEU A 455 25.14 -12.71 2.01
C LEU A 455 26.14 -13.53 2.82
N PHE A 456 26.88 -12.91 3.72
CA PHE A 456 27.83 -13.59 4.59
C PHE A 456 27.30 -13.59 6.01
N ARG A 457 27.45 -14.72 6.70
CA ARG A 457 26.99 -14.85 8.07
C ARG A 457 27.75 -15.98 8.74
N LYS A 458 28.02 -15.82 10.05
CA LYS A 458 28.79 -16.83 10.77
C LYS A 458 28.06 -18.16 10.81
N SER A 459 26.76 -18.15 11.10
CA SER A 459 25.99 -19.38 11.20
C SER A 459 24.51 -19.04 11.02
N ASN A 460 23.73 -20.08 10.74
CA ASN A 460 22.29 -19.90 10.56
C ASN A 460 21.66 -19.30 11.82
N LEU A 461 20.54 -18.65 11.63
CA LEU A 461 19.84 -17.95 12.70
C LEU A 461 18.56 -18.68 13.06
N LYS A 462 18.20 -18.60 14.34
CA LYS A 462 17.00 -19.27 14.84
C LYS A 462 15.75 -18.62 14.25
N PRO A 463 14.63 -19.33 14.24
CA PRO A 463 13.41 -18.77 13.66
C PRO A 463 13.01 -17.46 14.33
N PHE A 464 12.52 -16.52 13.51
CA PHE A 464 12.06 -15.22 13.99
C PHE A 464 13.16 -14.45 14.73
N GLU A 465 14.38 -14.54 14.21
CA GLU A 465 15.51 -13.80 14.75
C GLU A 465 15.96 -12.75 13.75
N ARG A 466 16.24 -11.55 14.25
CA ARG A 466 16.66 -10.42 13.42
C ARG A 466 18.07 -10.01 13.78
N ASP A 467 18.92 -9.87 12.77
CA ASP A 467 20.30 -9.44 12.96
C ASP A 467 20.56 -8.22 12.08
N ILE A 468 21.10 -7.16 12.67
CA ILE A 468 21.35 -5.91 11.97
C ILE A 468 22.83 -5.55 11.95
N SER A 469 23.65 -6.22 12.76
CA SER A 469 25.06 -5.84 12.88
C SER A 469 25.78 -6.00 11.54
N THR A 470 26.70 -5.08 11.27
CA THR A 470 27.34 -4.99 9.96
C THR A 470 28.86 -5.10 10.06
N GLU A 471 29.38 -5.89 10.99
CA GLU A 471 30.81 -6.14 11.00
C GLU A 471 31.17 -7.06 9.84
N ILE A 472 32.46 -7.17 9.57
CA ILE A 472 32.94 -7.87 8.37
C ILE A 472 33.18 -9.33 8.71
N TYR A 473 32.62 -10.21 7.88
CA TYR A 473 32.72 -11.65 8.08
C TYR A 473 33.62 -12.29 7.04
N GLN A 474 34.22 -13.42 7.43
CA GLN A 474 35.07 -14.19 6.52
C GLN A 474 34.23 -15.16 5.70
N CYS A 480 41.42 -9.85 8.65
CA CYS A 480 40.34 -9.00 8.21
C CYS A 480 40.09 -7.84 9.17
N ASN A 481 40.52 -6.65 8.76
CA ASN A 481 40.25 -5.43 9.50
C ASN A 481 39.61 -4.41 8.56
N GLY A 482 39.16 -3.30 9.14
CA GLY A 482 38.49 -2.29 8.34
C GLY A 482 37.21 -2.83 7.76
N VAL A 483 37.07 -2.71 6.44
CA VAL A 483 35.84 -3.08 5.75
C VAL A 483 36.07 -4.07 4.61
N GLU A 484 37.28 -4.13 4.04
CA GLU A 484 37.50 -4.94 2.86
C GLU A 484 38.82 -5.68 2.97
N GLY A 485 38.96 -6.72 2.17
CA GLY A 485 40.17 -7.52 2.14
C GLY A 485 39.87 -8.92 1.66
N PHE A 486 40.94 -9.69 1.47
CA PHE A 486 40.82 -11.08 1.06
C PHE A 486 40.05 -11.88 2.10
N ASN A 487 38.91 -12.45 1.70
CA ASN A 487 37.92 -13.10 2.55
C ASN A 487 37.28 -12.10 3.52
N CYS A 488 37.69 -10.84 3.49
CA CYS A 488 37.17 -9.83 4.41
C CYS A 488 36.06 -9.02 3.71
N TYR A 489 34.99 -9.74 3.38
CA TYR A 489 33.94 -9.20 2.52
C TYR A 489 32.85 -8.52 3.34
N PHE A 490 32.28 -7.46 2.75
CA PHE A 490 31.17 -6.75 3.39
C PHE A 490 29.94 -7.65 3.44
N PRO A 491 29.31 -7.79 4.59
CA PRO A 491 28.19 -8.75 4.71
C PRO A 491 26.97 -8.39 3.86
N LEU A 492 26.67 -7.12 3.68
CA LEU A 492 25.41 -6.70 3.08
C LEU A 492 25.62 -6.27 1.63
N GLN A 493 24.73 -6.73 0.75
CA GLN A 493 24.73 -6.32 -0.65
C GLN A 493 23.31 -5.98 -1.08
N SER A 494 23.21 -5.05 -2.02
CA SER A 494 21.93 -4.54 -2.49
C SER A 494 21.59 -5.14 -3.85
N TYR A 495 20.34 -5.56 -4.00
CA TYR A 495 19.87 -6.04 -5.29
C TYR A 495 19.89 -4.90 -6.30
N GLY A 496 20.37 -5.19 -7.50
CA GLY A 496 20.31 -4.23 -8.57
C GLY A 496 18.93 -4.22 -9.20
N PHE A 497 17.95 -3.69 -8.47
CA PHE A 497 16.55 -3.79 -8.88
C PHE A 497 16.25 -2.85 -10.04
N GLN A 498 16.69 -3.21 -11.24
CA GLN A 498 16.31 -2.45 -12.41
C GLN A 498 14.96 -2.94 -12.93
N PRO A 499 14.16 -2.06 -13.52
CA PRO A 499 12.87 -2.50 -14.08
C PRO A 499 13.02 -3.50 -15.21
N THR A 500 14.10 -3.43 -15.98
CA THR A 500 14.30 -4.32 -17.11
C THR A 500 14.60 -5.76 -16.70
N ASN A 501 14.85 -6.01 -15.41
CA ASN A 501 15.15 -7.36 -14.96
C ASN A 501 13.97 -8.29 -15.24
N GLY A 502 14.26 -9.49 -15.71
CA GLY A 502 13.22 -10.44 -16.02
C GLY A 502 12.57 -10.99 -14.76
N VAL A 503 11.43 -11.64 -14.97
CA VAL A 503 10.68 -12.27 -13.88
C VAL A 503 11.62 -13.23 -13.16
N GLY A 504 11.54 -13.25 -11.83
CA GLY A 504 12.52 -13.94 -11.02
C GLY A 504 13.61 -13.05 -10.48
N TYR A 505 13.75 -11.84 -11.00
CA TYR A 505 14.61 -10.83 -10.43
C TYR A 505 13.88 -9.59 -9.98
N GLN A 506 12.63 -9.40 -10.39
CA GLN A 506 11.85 -8.25 -9.96
C GLN A 506 11.59 -8.34 -8.46
N PRO A 507 11.64 -7.23 -7.73
CA PRO A 507 11.42 -7.28 -6.28
C PRO A 507 9.99 -7.70 -5.95
N TYR A 508 9.87 -8.54 -4.94
CA TYR A 508 8.58 -9.01 -4.44
C TYR A 508 8.43 -8.57 -2.99
N ARG A 509 7.28 -7.97 -2.67
CA ARG A 509 6.98 -7.54 -1.32
C ARG A 509 6.27 -8.67 -0.59
N VAL A 510 6.76 -8.99 0.61
CA VAL A 510 6.32 -10.16 1.37
C VAL A 510 5.86 -9.70 2.74
N VAL A 511 4.67 -10.17 3.14
CA VAL A 511 4.10 -9.94 4.46
C VAL A 511 3.71 -11.30 5.04
N VAL A 512 4.23 -11.61 6.23
CA VAL A 512 4.03 -12.90 6.88
C VAL A 512 3.31 -12.66 8.20
N LEU A 513 2.18 -13.34 8.40
CA LEU A 513 1.42 -13.23 9.63
C LEU A 513 1.69 -14.45 10.50
N SER A 514 1.76 -14.22 11.81
CA SER A 514 1.96 -15.31 12.76
C SER A 514 1.04 -15.08 13.96
N PHE A 515 0.31 -16.11 14.36
CA PHE A 515 -0.65 -15.99 15.45
C PHE A 515 -0.85 -17.34 16.12
N GLU A 516 -1.04 -17.32 17.43
CA GLU A 516 -1.25 -18.53 18.21
C GLU A 516 -2.74 -18.85 18.25
N LEU A 517 -3.06 -20.13 18.42
CA LEU A 517 -4.43 -20.61 18.41
C LEU A 517 -4.84 -21.18 19.76
N LEU A 518 -5.75 -20.49 20.44
CA LEU A 518 -6.60 -21.06 21.49
C LEU A 518 -5.78 -21.64 22.66
N HIS A 519 -5.05 -20.76 23.34
CA HIS A 519 -4.54 -21.09 24.66
C HIS A 519 -4.66 -19.96 25.68
N ALA A 520 -5.04 -18.75 25.27
CA ALA A 520 -5.06 -17.60 26.15
C ALA A 520 -6.33 -16.80 25.90
N PRO A 521 -6.66 -15.79 26.75
CA PRO A 521 -7.78 -14.91 26.42
C PRO A 521 -7.64 -14.29 25.04
N ALA A 522 -8.70 -14.38 24.25
CA ALA A 522 -8.64 -13.95 22.85
C ALA A 522 -8.40 -12.46 22.76
N THR A 523 -7.66 -12.06 21.72
CA THR A 523 -7.35 -10.66 21.49
C THR A 523 -7.68 -10.19 20.08
N VAL A 524 -7.51 -11.02 19.05
CA VAL A 524 -7.67 -10.62 17.66
C VAL A 524 -8.50 -11.66 16.93
N CYS A 525 -9.60 -11.23 16.31
CA CYS A 525 -10.38 -12.07 15.41
C CYS A 525 -11.49 -11.27 14.75
N GLY A 526 -12.05 -11.85 13.69
CA GLY A 526 -13.02 -11.19 12.85
C GLY A 526 -14.33 -10.92 13.54
N PRO A 527 -15.33 -10.50 12.76
CA PRO A 527 -16.61 -10.07 13.36
C PRO A 527 -17.30 -11.14 14.17
N LYS A 528 -17.66 -12.24 13.51
CA LYS A 528 -18.42 -13.35 14.11
C LYS A 528 -19.47 -12.83 15.10
N LYS A 529 -20.31 -11.93 14.59
CA LYS A 529 -21.21 -11.13 15.43
C LYS A 529 -21.91 -11.98 16.47
N SER A 530 -21.65 -11.66 17.74
CA SER A 530 -22.14 -12.47 18.85
C SER A 530 -23.64 -12.25 19.03
N THR A 531 -24.34 -13.32 19.40
CA THR A 531 -25.77 -13.27 19.65
C THR A 531 -26.03 -13.36 21.15
N ASN A 532 -27.31 -13.40 21.51
CA ASN A 532 -27.69 -13.56 22.90
C ASN A 532 -27.29 -14.95 23.40
N LEU A 533 -26.98 -15.01 24.70
CA LEU A 533 -26.54 -16.24 25.32
C LEU A 533 -27.72 -16.95 25.99
N VAL A 534 -27.82 -18.26 25.75
CA VAL A 534 -28.92 -19.08 26.24
C VAL A 534 -28.38 -20.07 27.25
N LYS A 535 -29.09 -20.22 28.36
CA LYS A 535 -28.67 -21.09 29.45
C LYS A 535 -29.65 -22.24 29.62
N ASN A 536 -29.14 -23.36 30.15
CA ASN A 536 -29.95 -24.52 30.49
C ASN A 536 -30.69 -25.09 29.28
N LYS A 537 -30.02 -25.15 28.13
CA LYS A 537 -30.61 -25.73 26.93
C LYS A 537 -29.51 -26.27 26.04
N CYS A 538 -29.75 -27.42 25.42
CA CYS A 538 -28.75 -28.05 24.57
C CYS A 538 -28.58 -27.26 23.28
N VAL A 539 -27.50 -26.49 23.20
CA VAL A 539 -27.22 -25.67 22.02
C VAL A 539 -25.75 -25.83 21.68
N ASN A 540 -25.41 -25.46 20.44
CA ASN A 540 -24.02 -25.31 20.05
C ASN A 540 -23.52 -23.93 20.48
N PHE A 541 -22.22 -23.84 20.72
CA PHE A 541 -21.63 -22.61 21.23
C PHE A 541 -20.26 -22.39 20.62
N ASN A 542 -19.89 -21.12 20.50
CA ASN A 542 -18.61 -20.71 19.95
C ASN A 542 -18.14 -19.52 20.76
N PHE A 543 -17.19 -19.76 21.67
CA PHE A 543 -16.67 -18.73 22.57
C PHE A 543 -15.19 -18.53 22.25
N ASN A 544 -14.86 -17.38 21.67
CA ASN A 544 -13.48 -17.01 21.38
C ASN A 544 -12.79 -18.09 20.54
N GLY A 545 -13.52 -18.67 19.60
CA GLY A 545 -13.02 -19.74 18.76
C GLY A 545 -13.28 -21.13 19.28
N LEU A 546 -13.32 -21.31 20.60
CA LEU A 546 -13.62 -22.61 21.17
C LEU A 546 -15.06 -23.00 20.83
N THR A 547 -15.20 -24.07 20.05
CA THR A 547 -16.50 -24.52 19.57
C THR A 547 -16.90 -25.80 20.27
N GLY A 548 -18.21 -25.95 20.51
CA GLY A 548 -18.70 -27.16 21.13
C GLY A 548 -20.20 -27.21 21.11
N THR A 549 -20.75 -28.22 21.79
CA THR A 549 -22.19 -28.39 21.91
C THR A 549 -22.51 -28.93 23.29
N GLY A 550 -23.49 -28.35 23.95
CA GLY A 550 -23.86 -28.81 25.27
C GLY A 550 -24.87 -27.90 25.92
N VAL A 551 -24.99 -28.02 27.25
CA VAL A 551 -25.90 -27.22 28.04
C VAL A 551 -25.06 -26.33 28.95
N LEU A 552 -25.36 -25.03 28.92
CA LEU A 552 -24.64 -24.02 29.68
C LEU A 552 -25.37 -23.72 30.98
N THR A 553 -24.64 -23.75 32.10
CA THR A 553 -25.22 -23.55 33.41
C THR A 553 -24.36 -22.60 34.22
N GLU A 554 -24.98 -21.97 35.21
CA GLU A 554 -24.22 -21.14 36.14
C GLU A 554 -23.30 -22.02 36.99
N SER A 555 -22.13 -21.47 37.33
CA SER A 555 -21.14 -22.21 38.09
C SER A 555 -20.56 -21.33 39.20
N ASN A 556 -20.13 -21.98 40.27
CA ASN A 556 -19.55 -21.29 41.41
C ASN A 556 -18.02 -21.36 41.43
N LYS A 557 -17.40 -21.89 40.38
CA LYS A 557 -15.94 -21.97 40.37
C LYS A 557 -15.35 -20.57 40.23
N LYS A 558 -14.22 -20.35 40.92
CA LYS A 558 -13.59 -19.04 40.97
C LYS A 558 -12.27 -19.08 40.23
N PHE A 559 -12.31 -18.73 38.95
CA PHE A 559 -11.09 -18.57 38.17
C PHE A 559 -10.37 -17.26 38.47
N LEU A 560 -9.07 -17.26 38.17
CA LEU A 560 -8.21 -16.11 38.28
C LEU A 560 -8.53 -15.10 37.19
N PRO A 561 -8.08 -13.84 37.35
CA PRO A 561 -8.39 -12.83 36.33
C PRO A 561 -7.96 -13.21 34.92
N PHE A 562 -6.83 -13.88 34.77
CA PHE A 562 -6.36 -14.29 33.45
C PHE A 562 -6.93 -15.63 33.02
N GLN A 563 -7.53 -16.40 33.92
CA GLN A 563 -8.02 -17.73 33.57
C GLN A 563 -9.28 -17.64 32.71
N GLN A 564 -9.30 -18.43 31.64
CA GLN A 564 -10.40 -18.43 30.69
C GLN A 564 -11.11 -19.77 30.60
N PHE A 565 -10.35 -20.86 30.44
CA PHE A 565 -10.92 -22.17 30.20
C PHE A 565 -10.82 -23.05 31.43
N GLY A 566 -11.79 -23.94 31.58
CA GLY A 566 -11.79 -24.95 32.63
C GLY A 566 -11.62 -26.33 32.02
N ARG A 567 -10.87 -27.18 32.71
CA ARG A 567 -10.56 -28.50 32.18
C ARG A 567 -10.67 -29.54 33.29
N ASP A 568 -10.88 -30.78 32.88
CA ASP A 568 -10.96 -31.92 33.78
C ASP A 568 -9.74 -32.81 33.63
N ILE A 569 -9.75 -33.94 34.35
CA ILE A 569 -8.73 -34.94 34.19
C ILE A 569 -8.75 -35.53 32.78
N ALA A 570 -9.90 -35.50 32.12
CA ALA A 570 -10.05 -35.97 30.76
C ALA A 570 -9.62 -34.93 29.72
N ASP A 571 -9.19 -33.76 30.17
CA ASP A 571 -8.71 -32.67 29.33
C ASP A 571 -9.81 -32.06 28.47
N THR A 572 -11.08 -32.29 28.80
CA THR A 572 -12.17 -31.66 28.09
C THR A 572 -12.43 -30.25 28.64
N THR A 573 -13.22 -29.49 27.90
CA THR A 573 -13.56 -28.12 28.28
C THR A 573 -14.77 -28.15 29.21
N ASP A 574 -14.57 -27.78 30.47
CA ASP A 574 -15.63 -27.83 31.46
C ASP A 574 -16.34 -26.48 31.62
N ALA A 575 -15.57 -25.44 31.91
CA ALA A 575 -16.13 -24.12 32.20
C ALA A 575 -15.41 -23.07 31.37
N VAL A 576 -16.18 -22.10 30.85
CA VAL A 576 -15.62 -21.00 30.09
C VAL A 576 -16.24 -19.70 30.56
N ARG A 577 -15.51 -18.61 30.36
CA ARG A 577 -15.93 -17.29 30.81
C ARG A 577 -16.39 -16.48 29.60
N ASP A 578 -17.60 -15.93 29.69
CA ASP A 578 -18.16 -15.18 28.58
C ASP A 578 -17.28 -13.97 28.28
N PRO A 579 -16.81 -13.81 27.04
CA PRO A 579 -15.95 -12.64 26.74
C PRO A 579 -16.64 -11.30 26.94
N GLN A 580 -17.91 -11.18 26.52
CA GLN A 580 -18.59 -9.89 26.62
C GLN A 580 -18.76 -9.47 28.07
N THR A 581 -19.52 -10.24 28.84
CA THR A 581 -19.71 -9.98 30.26
C THR A 581 -19.03 -11.08 31.07
N LEU A 582 -18.41 -10.69 32.18
CA LEU A 582 -17.47 -11.56 32.88
C LEU A 582 -18.21 -12.41 33.91
N GLU A 583 -18.62 -13.61 33.49
CA GLU A 583 -19.10 -14.63 34.40
C GLU A 583 -18.69 -15.98 33.85
N ILE A 584 -18.72 -16.98 34.72
CA ILE A 584 -18.25 -18.32 34.39
C ILE A 584 -19.46 -19.22 34.15
N LEU A 585 -19.40 -20.02 33.10
CA LEU A 585 -20.46 -20.96 32.74
C LEU A 585 -19.88 -22.36 32.61
N ASP A 586 -20.53 -23.33 33.25
CA ASP A 586 -20.20 -24.73 33.06
C ASP A 586 -20.91 -25.29 31.83
N ILE A 587 -20.27 -26.27 31.21
CA ILE A 587 -20.80 -26.96 30.05
C ILE A 587 -21.03 -28.40 30.42
N THR A 588 -22.23 -28.90 30.17
CA THR A 588 -22.57 -30.29 30.41
C THR A 588 -22.96 -30.96 29.11
N PRO A 589 -22.39 -32.12 28.77
CA PRO A 589 -22.79 -32.80 27.54
C PRO A 589 -24.26 -33.21 27.59
N CYS A 590 -24.90 -33.16 26.43
CA CYS A 590 -26.33 -33.48 26.34
C CYS A 590 -26.58 -34.97 26.59
N GLN B 1 -7.70 18.40 8.52
CA GLN B 1 -8.00 17.96 7.16
C GLN B 1 -6.73 17.89 6.33
N VAL B 2 -6.66 16.86 5.47
CA VAL B 2 -5.54 16.72 4.55
C VAL B 2 -5.58 17.86 3.55
N GLN B 3 -4.64 18.79 3.66
CA GLN B 3 -4.60 19.96 2.79
C GLN B 3 -3.19 20.17 2.27
N LEU B 4 -3.06 20.32 0.96
CA LEU B 4 -1.80 20.63 0.31
C LEU B 4 -1.92 22.03 -0.27
N GLN B 5 -1.31 23.01 0.41
CA GLN B 5 -1.42 24.40 0.00
C GLN B 5 -0.10 24.86 -0.62
N GLN B 6 -0.20 25.61 -1.72
CA GLN B 6 0.94 26.08 -2.46
C GLN B 6 0.93 27.61 -2.50
N SER B 7 2.05 28.18 -2.94
CA SER B 7 2.19 29.63 -3.03
C SER B 7 1.32 30.19 -4.15
N GLY B 8 1.34 31.51 -4.32
CA GLY B 8 0.55 32.16 -5.35
C GLY B 8 1.20 32.09 -6.72
N ALA B 9 0.64 32.85 -7.64
CA ALA B 9 1.17 32.92 -8.99
C ALA B 9 2.51 33.65 -9.01
N GLU B 10 3.41 33.19 -9.88
CA GLU B 10 4.74 33.76 -10.02
C GLU B 10 4.91 34.41 -11.38
N LEU B 11 5.55 35.58 -11.39
CA LEU B 11 5.99 36.27 -12.58
C LEU B 11 7.51 36.26 -12.59
N VAL B 12 8.10 35.58 -13.57
CA VAL B 12 9.55 35.36 -13.58
C VAL B 12 10.13 35.84 -14.89
N LYS B 13 11.19 36.62 -14.82
CA LYS B 13 11.92 37.00 -16.02
C LYS B 13 12.64 35.78 -16.59
N PRO B 14 12.75 35.67 -17.91
CA PRO B 14 13.41 34.50 -18.51
C PRO B 14 14.85 34.38 -18.04
N GLY B 15 15.28 33.14 -17.82
CA GLY B 15 16.62 32.85 -17.38
C GLY B 15 16.83 32.88 -15.88
N ALA B 16 15.81 33.23 -15.10
CA ALA B 16 15.94 33.33 -13.66
C ALA B 16 15.67 31.97 -13.03
N SER B 17 15.51 31.95 -11.70
CA SER B 17 15.19 30.73 -10.97
C SER B 17 14.09 31.04 -9.96
N VAL B 18 13.15 30.11 -9.81
CA VAL B 18 11.96 30.34 -8.99
C VAL B 18 11.74 29.16 -8.06
N LYS B 19 11.30 29.46 -6.84
CA LYS B 19 11.05 28.47 -5.81
C LYS B 19 9.56 28.41 -5.50
N ILE B 20 9.02 27.18 -5.47
CA ILE B 20 7.61 26.93 -5.16
C ILE B 20 7.55 25.99 -3.97
N SER B 21 6.73 26.35 -2.99
CA SER B 21 6.59 25.56 -1.77
C SER B 21 5.22 24.92 -1.73
N CYS B 22 5.18 23.63 -1.41
CA CYS B 22 3.93 22.89 -1.21
C CYS B 22 3.93 22.35 0.21
N LYS B 23 3.05 22.90 1.04
CA LYS B 23 2.99 22.55 2.45
C LYS B 23 1.80 21.62 2.70
N ALA B 24 2.05 20.56 3.48
CA ALA B 24 1.04 19.55 3.77
C ALA B 24 0.60 19.67 5.22
N SER B 25 -0.71 19.69 5.44
CA SER B 25 -1.30 19.75 6.77
C SER B 25 -2.23 18.56 6.95
N GLY B 26 -2.12 17.90 8.10
CA GLY B 26 -2.92 16.72 8.37
C GLY B 26 -2.40 15.46 7.72
N VAL B 27 -1.13 15.45 7.32
CA VAL B 27 -0.53 14.32 6.61
C VAL B 27 0.80 13.99 7.26
N ALA B 28 1.12 12.69 7.32
CA ALA B 28 2.46 12.27 7.66
C ALA B 28 3.36 12.56 6.47
N PHE B 29 3.77 13.83 6.32
CA PHE B 29 4.42 14.29 5.11
C PHE B 29 5.71 13.54 4.83
N SER B 30 6.37 13.03 5.87
CA SER B 30 7.68 12.40 5.73
C SER B 30 7.60 10.93 5.38
N SER B 31 6.40 10.38 5.18
CA SER B 31 6.25 8.96 4.89
C SER B 31 5.64 8.66 3.53
N TYR B 32 5.32 9.68 2.73
CA TYR B 32 4.70 9.46 1.44
C TYR B 32 5.40 10.30 0.38
N TRP B 33 5.41 9.78 -0.84
CA TRP B 33 6.05 10.50 -1.93
C TRP B 33 5.30 11.79 -2.24
N MET B 34 6.05 12.80 -2.67
CA MET B 34 5.49 14.04 -3.20
C MET B 34 5.80 14.07 -4.69
N ASN B 35 4.74 14.02 -5.50
CA ASN B 35 4.86 14.02 -6.96
C ASN B 35 4.52 15.40 -7.49
N TRP B 36 5.41 15.97 -8.28
CA TRP B 36 5.21 17.27 -8.90
C TRP B 36 4.89 17.08 -10.38
N VAL B 37 3.83 17.75 -10.83
CA VAL B 37 3.24 17.57 -12.15
C VAL B 37 3.08 18.93 -12.82
N LYS B 38 3.35 19.00 -14.12
CA LYS B 38 3.22 20.23 -14.89
C LYS B 38 2.03 20.11 -15.84
N GLN B 39 1.28 21.20 -15.98
CA GLN B 39 0.18 21.26 -16.94
C GLN B 39 0.27 22.57 -17.71
N ARG B 40 0.55 22.47 -19.00
CA ARG B 40 0.39 23.58 -19.91
C ARG B 40 -1.08 23.74 -20.27
N PRO B 41 -1.53 24.96 -20.59
CA PRO B 41 -2.97 25.16 -20.81
C PRO B 41 -3.41 24.59 -22.15
N GLY B 42 -4.36 23.65 -22.10
CA GLY B 42 -4.79 22.94 -23.29
C GLY B 42 -3.97 21.72 -23.63
N LYS B 43 -2.94 21.40 -22.85
CA LYS B 43 -2.11 20.23 -23.07
C LYS B 43 -2.24 19.28 -21.88
N GLY B 44 -1.84 18.03 -22.12
CA GLY B 44 -1.99 17.01 -21.10
C GLY B 44 -1.05 17.19 -19.93
N LEU B 45 -1.36 16.49 -18.84
CA LEU B 45 -0.53 16.53 -17.66
C LEU B 45 0.82 15.88 -17.94
N GLU B 46 1.87 16.43 -17.34
CA GLU B 46 3.22 15.89 -17.47
C GLU B 46 3.79 15.67 -16.08
N TRP B 47 4.23 14.44 -15.82
CA TRP B 47 4.79 14.08 -14.52
C TRP B 47 6.22 14.59 -14.44
N ILE B 48 6.42 15.67 -13.69
CA ILE B 48 7.75 16.25 -13.59
C ILE B 48 8.67 15.36 -12.77
N GLY B 49 8.31 15.13 -11.52
CA GLY B 49 9.25 14.43 -10.66
C GLY B 49 8.58 13.97 -9.38
N GLN B 50 9.41 13.43 -8.49
CA GLN B 50 8.89 12.88 -7.25
C GLN B 50 10.01 12.81 -6.23
N ILE B 51 9.67 13.09 -4.96
CA ILE B 51 10.63 13.10 -3.87
C ILE B 51 10.07 12.30 -2.70
N TYR B 52 10.96 11.74 -1.90
CA TYR B 52 10.57 11.10 -0.65
C TYR B 52 11.16 11.89 0.52
N PRO B 53 10.35 12.61 1.28
CA PRO B 53 10.90 13.43 2.37
C PRO B 53 11.57 12.62 3.47
N GLY B 54 11.27 11.32 3.57
CA GLY B 54 11.83 10.53 4.64
C GLY B 54 13.35 10.45 4.60
N ASP B 55 13.91 10.30 3.41
CA ASP B 55 15.37 10.22 3.27
C ASP B 55 15.90 10.99 2.07
N GLY B 56 15.06 11.73 1.36
CA GLY B 56 15.51 12.51 0.22
C GLY B 56 15.61 11.75 -1.09
N ASP B 57 15.04 10.54 -1.12
CA ASP B 57 15.02 9.74 -2.38
C ASP B 57 14.24 10.52 -3.44
N THR B 58 14.81 10.65 -4.64
CA THR B 58 14.15 11.41 -5.70
C THR B 58 14.16 10.61 -6.99
N ASN B 59 13.07 10.72 -7.75
CA ASN B 59 12.97 10.18 -9.10
C ASN B 59 12.53 11.30 -10.02
N TYR B 60 13.36 11.57 -11.03
CA TYR B 60 13.11 12.68 -11.96
C TYR B 60 12.75 12.14 -13.33
N ASN B 61 11.81 12.80 -13.99
CA ASN B 61 11.50 12.48 -15.37
C ASN B 61 12.68 12.83 -16.26
N GLY B 62 12.83 12.08 -17.36
CA GLY B 62 13.96 12.32 -18.25
C GLY B 62 13.95 13.71 -18.85
N LYS B 63 12.78 14.19 -19.26
CA LYS B 63 12.68 15.50 -19.88
C LYS B 63 13.06 16.60 -18.90
N PHE B 64 12.63 16.49 -17.65
CA PHE B 64 12.84 17.52 -16.65
C PHE B 64 14.04 17.26 -15.77
N LYS B 65 14.86 16.26 -16.10
CA LYS B 65 16.03 15.94 -15.29
C LYS B 65 17.00 17.12 -15.30
N GLY B 66 17.42 17.53 -14.11
CA GLY B 66 18.36 18.64 -13.98
C GLY B 66 17.71 20.00 -14.00
N LYS B 67 16.68 20.15 -14.85
CA LYS B 67 16.02 21.45 -14.96
C LYS B 67 15.31 21.83 -13.66
N ALA B 68 14.67 20.87 -13.01
CA ALA B 68 13.93 21.10 -11.78
C ALA B 68 14.59 20.34 -10.64
N THR B 69 14.67 20.98 -9.47
CA THR B 69 15.27 20.39 -8.30
C THR B 69 14.24 20.30 -7.17
N LEU B 70 14.16 19.14 -6.54
CA LEU B 70 13.21 18.90 -5.47
C LEU B 70 13.94 18.76 -4.14
N THR B 71 13.45 19.45 -3.11
CA THR B 71 14.00 19.34 -1.78
C THR B 71 12.86 19.20 -0.78
N ALA B 72 13.19 18.66 0.39
CA ALA B 72 12.20 18.41 1.43
C ALA B 72 12.52 19.22 2.68
N ASP B 73 11.48 19.56 3.43
CA ASP B 73 11.61 20.27 4.70
C ASP B 73 10.76 19.51 5.72
N LYS B 74 11.43 18.70 6.54
CA LYS B 74 10.73 17.88 7.51
C LYS B 74 10.08 18.72 8.60
N SER B 75 10.79 19.77 9.06
CA SER B 75 10.31 20.54 10.20
C SER B 75 8.98 21.23 9.87
N SER B 76 8.94 21.97 8.77
CA SER B 76 7.72 22.62 8.34
C SER B 76 6.85 21.74 7.46
N SER B 77 7.34 20.55 7.11
CA SER B 77 6.62 19.60 6.27
C SER B 77 6.23 20.25 4.94
N THR B 78 7.25 20.62 4.17
CA THR B 78 7.03 21.34 2.92
C THR B 78 8.00 20.86 1.86
N ALA B 79 7.49 20.62 0.66
CA ALA B 79 8.30 20.24 -0.48
C ALA B 79 8.60 21.47 -1.32
N TYR B 80 9.88 21.72 -1.56
CA TYR B 80 10.33 22.87 -2.33
C TYR B 80 10.75 22.42 -3.72
N MET B 81 10.35 23.19 -4.72
CA MET B 81 10.69 22.94 -6.12
C MET B 81 11.40 24.17 -6.66
N GLN B 82 12.61 23.97 -7.20
CA GLN B 82 13.41 25.04 -7.75
C GLN B 82 13.53 24.86 -9.24
N LEU B 83 13.18 25.90 -9.99
CA LEU B 83 13.26 25.91 -11.44
C LEU B 83 14.36 26.86 -11.87
N SER B 84 15.23 26.39 -12.76
CA SER B 84 16.35 27.17 -13.24
C SER B 84 16.32 27.23 -14.76
N SER B 85 16.93 28.29 -15.31
CA SER B 85 16.99 28.53 -16.75
C SER B 85 15.59 28.57 -17.35
N LEU B 86 14.74 29.43 -16.78
CA LEU B 86 13.36 29.51 -17.22
C LEU B 86 13.26 30.10 -18.61
N SER B 87 12.32 29.57 -19.39
CA SER B 87 11.99 30.08 -20.72
C SER B 87 10.47 30.23 -20.79
N SER B 88 10.01 30.81 -21.91
CA SER B 88 8.59 31.12 -22.04
C SER B 88 7.71 29.88 -22.00
N GLU B 89 8.23 28.74 -22.47
CA GLU B 89 7.40 27.53 -22.52
C GLU B 89 7.12 26.98 -21.13
N ASP B 90 7.98 27.29 -20.16
CA ASP B 90 7.79 26.80 -18.79
C ASP B 90 6.56 27.38 -18.13
N SER B 91 5.97 28.43 -18.69
CA SER B 91 4.75 28.99 -18.13
C SER B 91 3.65 27.95 -18.09
N ALA B 92 3.27 27.53 -16.89
CA ALA B 92 2.31 26.44 -16.73
C ALA B 92 1.83 26.42 -15.29
N VAL B 93 0.93 25.48 -15.00
CA VAL B 93 0.39 25.27 -13.66
C VAL B 93 1.03 24.02 -13.08
N TYR B 94 1.59 24.14 -11.89
CA TYR B 94 2.34 23.06 -11.27
C TYR B 94 1.60 22.56 -10.04
N PHE B 95 1.41 21.24 -9.97
CA PHE B 95 0.66 20.61 -8.89
C PHE B 95 1.57 19.72 -8.08
N CYS B 96 1.29 19.64 -6.78
CA CYS B 96 1.94 18.72 -5.86
C CYS B 96 0.91 17.74 -5.34
N ALA B 97 1.24 16.45 -5.39
CA ALA B 97 0.30 15.40 -5.02
C ALA B 97 1.00 14.37 -4.15
N ARG B 98 0.19 13.62 -3.40
CA ARG B 98 0.70 12.62 -2.47
C ARG B 98 0.64 11.24 -3.11
N GLY B 99 1.75 10.52 -3.08
CA GLY B 99 1.86 9.21 -3.67
C GLY B 99 1.49 8.06 -2.76
N PHE B 100 0.20 7.88 -2.50
CA PHE B 100 -0.22 6.76 -1.67
C PHE B 100 -0.01 5.44 -2.40
N ILE B 101 0.12 4.37 -1.63
CA ILE B 101 0.33 3.03 -2.16
C ILE B 101 -0.91 2.19 -1.89
N ALA B 102 -1.48 1.62 -2.95
CA ALA B 102 -2.60 0.70 -2.82
C ALA B 102 -2.14 -0.75 -2.74
N THR B 103 -0.93 -0.98 -2.24
CA THR B 103 -0.30 -2.29 -2.01
C THR B 103 0.08 -2.95 -3.32
N VAL B 104 -0.29 -2.35 -4.45
CA VAL B 104 0.09 -2.89 -5.76
C VAL B 104 0.70 -1.77 -6.60
N GLU B 105 0.34 -0.53 -6.31
CA GLU B 105 0.66 0.58 -7.18
C GLU B 105 0.75 1.86 -6.37
N GLU B 106 1.13 2.94 -7.05
CA GLU B 106 1.19 4.25 -6.43
C GLU B 106 0.23 5.20 -7.15
N THR B 107 -0.59 5.90 -6.37
CA THR B 107 -1.63 6.78 -6.87
C THR B 107 -1.50 8.14 -6.21
N MET B 108 -1.77 9.19 -6.98
CA MET B 108 -1.70 10.57 -6.48
C MET B 108 -3.09 10.94 -5.95
N ASP B 109 -3.35 10.63 -4.69
CA ASP B 109 -4.71 10.75 -4.15
C ASP B 109 -5.07 12.19 -3.86
N TYR B 110 -4.26 12.89 -3.07
CA TYR B 110 -4.54 14.27 -2.68
C TYR B 110 -3.68 15.21 -3.50
N TRP B 111 -4.30 16.26 -4.04
CA TRP B 111 -3.63 17.19 -4.92
C TRP B 111 -3.69 18.59 -4.36
N GLY B 112 -2.66 19.39 -4.63
CA GLY B 112 -2.65 20.77 -4.20
C GLY B 112 -3.54 21.65 -5.07
N GLN B 113 -3.60 22.93 -4.70
CA GLN B 113 -4.43 23.87 -5.44
C GLN B 113 -3.81 24.26 -6.77
N GLY B 114 -2.51 24.07 -6.95
CA GLY B 114 -1.86 24.40 -8.19
C GLY B 114 -1.29 25.81 -8.24
N THR B 115 -0.02 25.92 -8.60
CA THR B 115 0.67 27.20 -8.68
C THR B 115 0.85 27.58 -10.14
N SER B 116 0.37 28.77 -10.51
CA SER B 116 0.54 29.26 -11.88
C SER B 116 1.83 30.06 -11.97
N VAL B 117 2.72 29.64 -12.85
CA VAL B 117 4.01 30.31 -13.05
C VAL B 117 4.08 30.76 -14.49
N THR B 118 4.38 32.04 -14.69
CA THR B 118 4.50 32.63 -16.01
C THR B 118 5.86 33.28 -16.17
N VAL B 119 6.54 32.95 -17.27
CA VAL B 119 7.87 33.44 -17.57
C VAL B 119 7.77 34.46 -18.70
N SER B 120 8.14 35.70 -18.42
CA SER B 120 8.08 36.77 -19.40
C SER B 120 8.88 37.97 -18.94
N SER B 121 8.97 39.00 -19.79
CA SER B 121 9.68 40.22 -19.45
C SER B 121 8.78 41.46 -19.46
N ALA B 122 7.46 41.27 -19.57
CA ALA B 122 6.54 42.39 -19.58
C ALA B 122 6.47 43.05 -18.21
N SER B 123 6.03 44.30 -18.20
CA SER B 123 5.90 45.06 -16.97
C SER B 123 4.63 44.69 -16.22
N ASP C 1 9.23 5.41 -22.39
CA ASP C 1 8.14 5.50 -21.43
C ASP C 1 6.84 5.01 -22.05
N ILE C 2 5.91 4.60 -21.17
CA ILE C 2 4.61 4.11 -21.64
C ILE C 2 3.85 5.25 -22.29
N GLN C 3 3.36 5.00 -23.50
CA GLN C 3 2.56 5.99 -24.23
C GLN C 3 1.10 5.81 -23.86
N MET C 4 0.49 6.88 -23.36
CA MET C 4 -0.89 6.86 -22.90
C MET C 4 -1.73 7.70 -23.85
N THR C 5 -2.81 7.12 -24.37
CA THR C 5 -3.64 7.78 -25.36
C THR C 5 -5.11 7.63 -25.02
N GLN C 6 -5.84 8.73 -25.12
CA GLN C 6 -7.29 8.73 -25.04
C GLN C 6 -7.84 9.02 -26.43
N THR C 7 -8.65 8.09 -26.94
CA THR C 7 -9.11 8.20 -28.33
C THR C 7 -9.98 9.43 -28.53
N THR C 8 -10.89 9.71 -27.61
CA THR C 8 -11.84 10.81 -27.73
C THR C 8 -11.29 12.00 -26.96
N SER C 9 -10.89 13.05 -27.69
CA SER C 9 -10.42 14.27 -27.04
C SER C 9 -11.54 14.94 -26.26
N SER C 10 -12.74 14.99 -26.83
CA SER C 10 -13.88 15.59 -26.16
C SER C 10 -15.15 14.91 -26.65
N LEU C 11 -16.21 15.02 -25.85
CA LEU C 11 -17.47 14.40 -26.19
C LEU C 11 -18.60 15.15 -25.50
N SER C 12 -19.76 15.16 -26.13
CA SER C 12 -20.96 15.79 -25.59
C SER C 12 -21.97 14.72 -25.21
N ALA C 13 -22.62 14.90 -24.06
CA ALA C 13 -23.58 13.93 -23.56
C ALA C 13 -24.67 14.67 -22.78
N SER C 14 -25.80 13.99 -22.61
CA SER C 14 -26.93 14.53 -21.87
C SER C 14 -26.87 14.09 -20.42
N LEU C 15 -27.75 14.67 -19.62
CA LEU C 15 -27.81 14.35 -18.20
C LEU C 15 -28.36 12.94 -17.97
N GLY C 16 -27.76 12.21 -17.04
CA GLY C 16 -28.26 10.93 -16.62
C GLY C 16 -27.93 9.76 -17.52
N ASP C 17 -27.21 9.98 -18.62
CA ASP C 17 -26.90 8.91 -19.56
C ASP C 17 -25.52 8.33 -19.27
N ARG C 18 -25.38 7.03 -19.52
CA ARG C 18 -24.10 6.37 -19.33
C ARG C 18 -23.08 6.89 -20.32
N VAL C 19 -21.91 7.26 -19.82
CA VAL C 19 -20.84 7.84 -20.65
C VAL C 19 -19.58 7.02 -20.45
N THR C 20 -18.99 6.58 -21.56
CA THR C 20 -17.79 5.75 -21.52
C THR C 20 -16.61 6.51 -22.10
N ILE C 21 -15.52 6.59 -21.32
CA ILE C 21 -14.29 7.22 -21.73
C ILE C 21 -13.23 6.15 -21.82
N SER C 22 -12.64 6.00 -23.00
CA SER C 22 -11.65 4.95 -23.25
C SER C 22 -10.25 5.43 -22.91
N CYS C 23 -9.33 4.47 -22.77
CA CYS C 23 -7.93 4.78 -22.53
C CYS C 23 -7.10 3.60 -23.02
N ARG C 24 -6.26 3.83 -24.02
CA ARG C 24 -5.44 2.80 -24.64
C ARG C 24 -3.97 3.05 -24.34
N ALA C 25 -3.26 2.00 -23.94
CA ALA C 25 -1.85 2.10 -23.59
C ALA C 25 -1.01 1.34 -24.60
N SER C 26 0.19 1.87 -24.89
CA SER C 26 1.06 1.22 -25.86
C SER C 26 1.52 -0.14 -25.38
N GLN C 27 1.88 -0.25 -24.11
CA GLN C 27 2.37 -1.48 -23.51
C GLN C 27 1.43 -1.95 -22.41
N ASP C 28 1.35 -3.27 -22.24
CA ASP C 28 0.51 -3.83 -21.19
C ASP C 28 0.94 -3.32 -19.82
N ILE C 29 -0.04 -2.89 -19.04
CA ILE C 29 0.23 -2.31 -17.73
C ILE C 29 -0.58 -3.04 -16.66
N SER C 30 -1.02 -4.26 -16.99
CA SER C 30 -1.87 -5.07 -16.11
C SER C 30 -3.14 -4.27 -15.86
N ASN C 31 -3.43 -3.86 -14.62
CA ASN C 31 -4.53 -2.94 -14.33
C ASN C 31 -4.03 -1.76 -13.51
N TYR C 32 -2.84 -1.27 -13.85
CA TYR C 32 -2.13 -0.29 -13.03
C TYR C 32 -2.46 1.13 -13.50
N LEU C 33 -3.76 1.40 -13.59
CA LEU C 33 -4.26 2.65 -14.14
C LEU C 33 -5.07 3.39 -13.09
N ASN C 34 -4.97 4.72 -13.11
CA ASN C 34 -5.70 5.58 -12.20
C ASN C 34 -6.46 6.61 -13.02
N TRP C 35 -7.70 6.86 -12.65
CA TRP C 35 -8.54 7.88 -13.27
C TRP C 35 -8.64 9.07 -12.33
N TYR C 36 -8.24 10.25 -12.83
CA TYR C 36 -8.34 11.50 -12.11
C TYR C 36 -9.35 12.40 -12.79
N GLN C 37 -9.99 13.26 -12.00
CA GLN C 37 -10.97 14.20 -12.50
C GLN C 37 -10.56 15.61 -12.09
N GLN C 38 -10.51 16.52 -13.07
CA GLN C 38 -10.15 17.92 -12.85
C GLN C 38 -11.36 18.79 -13.18
N LYS C 39 -11.80 19.58 -12.19
CA LYS C 39 -12.88 20.51 -12.40
C LYS C 39 -12.45 21.62 -13.35
N PRO C 40 -13.41 22.30 -14.00
CA PRO C 40 -13.04 23.43 -14.86
C PRO C 40 -12.28 24.54 -14.14
N ASP C 41 -12.53 24.73 -12.84
CA ASP C 41 -11.81 25.76 -12.10
C ASP C 41 -10.35 25.40 -11.87
N GLY C 42 -9.95 24.16 -12.15
CA GLY C 42 -8.58 23.72 -11.96
C GLY C 42 -8.39 22.72 -10.85
N THR C 43 -9.38 22.54 -9.98
CA THR C 43 -9.25 21.56 -8.91
C THR C 43 -9.31 20.15 -9.47
N VAL C 44 -8.36 19.31 -9.05
CA VAL C 44 -8.24 17.94 -9.53
C VAL C 44 -8.20 17.01 -8.33
N LYS C 45 -8.86 15.86 -8.45
CA LYS C 45 -8.92 14.87 -7.39
C LYS C 45 -8.90 13.48 -7.99
N LEU C 46 -8.42 12.51 -7.21
CA LEU C 46 -8.44 11.13 -7.66
C LEU C 46 -9.87 10.61 -7.72
N LEU C 47 -10.15 9.81 -8.74
CA LEU C 47 -11.48 9.24 -8.92
C LEU C 47 -11.49 7.73 -8.78
N ILE C 48 -10.63 7.03 -9.53
CA ILE C 48 -10.58 5.58 -9.51
C ILE C 48 -9.12 5.16 -9.47
N TYR C 49 -8.83 4.07 -8.76
CA TYR C 49 -7.48 3.51 -8.77
C TYR C 49 -7.57 2.01 -8.98
N TYR C 50 -6.54 1.46 -9.61
CA TYR C 50 -6.41 0.04 -9.94
C TYR C 50 -7.52 -0.41 -10.89
N THR C 51 -8.13 0.54 -11.60
CA THR C 51 -9.10 0.41 -12.68
C THR C 51 -10.48 -0.02 -12.19
N SER C 52 -10.64 -0.40 -10.92
CA SER C 52 -11.97 -0.77 -10.43
C SER C 52 -12.28 -0.25 -9.03
N ARG C 53 -11.30 0.18 -8.26
CA ARG C 53 -11.54 0.57 -6.88
C ARG C 53 -12.05 2.01 -6.82
N LEU C 54 -13.22 2.18 -6.22
CA LEU C 54 -13.83 3.49 -6.09
C LEU C 54 -13.17 4.23 -4.93
N HIS C 55 -12.70 5.44 -5.18
CA HIS C 55 -12.03 6.21 -4.15
C HIS C 55 -13.02 6.71 -3.11
N SER C 56 -12.50 7.01 -1.92
CA SER C 56 -13.33 7.46 -0.82
C SER C 56 -14.02 8.78 -1.15
N GLY C 57 -15.30 8.87 -0.83
CA GLY C 57 -16.07 10.07 -1.07
C GLY C 57 -16.56 10.24 -2.49
N VAL C 58 -16.26 9.31 -3.38
CA VAL C 58 -16.65 9.42 -4.78
C VAL C 58 -18.01 8.74 -4.96
N PRO C 59 -18.96 9.39 -5.63
CA PRO C 59 -20.28 8.77 -5.82
C PRO C 59 -20.17 7.45 -6.59
N SER C 60 -21.08 6.53 -6.26
CA SER C 60 -21.04 5.20 -6.84
C SER C 60 -21.40 5.19 -8.32
N ARG C 61 -21.91 6.29 -8.86
CA ARG C 61 -22.29 6.32 -10.26
C ARG C 61 -21.11 6.17 -11.20
N PHE C 62 -19.89 6.38 -10.70
CA PHE C 62 -18.69 6.15 -11.49
C PHE C 62 -18.24 4.70 -11.36
N SER C 63 -17.62 4.19 -12.43
CA SER C 63 -17.09 2.83 -12.41
C SER C 63 -15.96 2.73 -13.41
N GLY C 64 -15.14 1.69 -13.25
CA GLY C 64 -14.05 1.45 -14.16
C GLY C 64 -14.00 0.01 -14.59
N SER C 65 -13.38 -0.22 -15.74
CA SER C 65 -13.26 -1.57 -16.28
C SER C 65 -12.13 -1.59 -17.29
N GLY C 66 -11.81 -2.79 -17.77
CA GLY C 66 -10.80 -2.99 -18.78
C GLY C 66 -9.67 -3.88 -18.29
N SER C 67 -8.75 -4.14 -19.21
CA SER C 67 -7.61 -5.01 -18.93
C SER C 67 -6.61 -4.85 -20.06
N GLY C 68 -5.49 -5.57 -19.96
CA GLY C 68 -4.48 -5.56 -20.99
C GLY C 68 -3.95 -4.18 -21.29
N THR C 69 -4.32 -3.63 -22.44
CA THR C 69 -3.89 -2.30 -22.84
C THR C 69 -5.08 -1.38 -23.11
N ASP C 70 -6.29 -1.79 -22.76
CA ASP C 70 -7.46 -0.95 -22.97
C ASP C 70 -8.32 -0.93 -21.72
N TYR C 71 -8.70 0.26 -21.28
CA TYR C 71 -9.54 0.44 -20.11
C TYR C 71 -10.59 1.50 -20.42
N SER C 72 -11.58 1.61 -19.53
CA SER C 72 -12.67 2.53 -19.76
C SER C 72 -13.31 2.92 -18.43
N LEU C 73 -13.66 4.19 -18.32
CA LEU C 73 -14.42 4.71 -17.19
C LEU C 73 -15.85 4.95 -17.64
N THR C 74 -16.81 4.55 -16.82
CA THR C 74 -18.22 4.62 -17.15
C THR C 74 -18.97 5.41 -16.09
N ILE C 75 -19.73 6.40 -16.54
CA ILE C 75 -20.67 7.14 -15.69
C ILE C 75 -22.04 6.55 -15.93
N SER C 76 -22.64 5.96 -14.89
CA SER C 76 -23.95 5.35 -15.04
C SER C 76 -25.03 6.39 -15.32
N ASN C 77 -25.00 7.50 -14.58
CA ASN C 77 -25.97 8.58 -14.73
C ASN C 77 -25.23 9.90 -14.61
N LEU C 78 -25.06 10.60 -15.74
CA LEU C 78 -24.32 11.85 -15.74
C LEU C 78 -25.09 12.91 -14.97
N GLU C 79 -24.38 13.68 -14.16
CA GLU C 79 -24.97 14.73 -13.34
C GLU C 79 -24.18 16.01 -13.58
N GLN C 80 -24.76 17.14 -13.13
CA GLN C 80 -24.24 18.44 -13.53
C GLN C 80 -22.80 18.64 -13.08
N GLU C 81 -22.47 18.26 -11.85
CA GLU C 81 -21.11 18.48 -11.36
C GLU C 81 -20.11 17.51 -11.95
N ASP C 82 -20.58 16.46 -12.64
CA ASP C 82 -19.66 15.50 -13.24
C ASP C 82 -18.92 16.09 -14.44
N ILE C 83 -19.38 17.24 -14.96
CA ILE C 83 -18.74 17.87 -16.11
C ILE C 83 -17.36 18.35 -15.71
N ALA C 84 -16.33 17.73 -16.26
CA ALA C 84 -14.94 17.99 -15.89
C ALA C 84 -14.05 17.39 -16.96
N THR C 85 -12.75 17.29 -16.67
CA THR C 85 -11.81 16.62 -17.56
C THR C 85 -11.23 15.40 -16.87
N TYR C 86 -11.28 14.26 -17.54
CA TYR C 86 -10.83 12.99 -16.97
C TYR C 86 -9.52 12.56 -17.60
N PHE C 87 -8.56 12.18 -16.75
CA PHE C 87 -7.23 11.75 -17.18
C PHE C 87 -6.99 10.33 -16.70
N CYS C 88 -6.41 9.51 -17.56
CA CYS C 88 -5.97 8.17 -17.18
C CYS C 88 -4.45 8.17 -17.11
N GLN C 89 -3.91 7.73 -15.98
CA GLN C 89 -2.48 7.72 -15.75
C GLN C 89 -2.02 6.31 -15.38
N GLN C 90 -0.93 5.88 -16.01
CA GLN C 90 -0.38 4.56 -15.77
C GLN C 90 0.58 4.60 -14.58
N SER C 91 0.90 3.41 -14.07
CA SER C 91 1.88 3.28 -13.00
C SER C 91 2.78 2.06 -13.21
N HIS C 92 2.85 1.53 -14.42
CA HIS C 92 3.63 0.32 -14.67
C HIS C 92 5.12 0.60 -14.62
N THR C 93 5.57 1.67 -15.27
CA THR C 93 6.96 2.05 -15.30
C THR C 93 7.15 3.42 -14.67
N LEU C 94 8.34 3.66 -14.13
CA LEU C 94 8.60 4.85 -13.34
C LEU C 94 8.24 6.16 -14.04
N PRO C 95 8.60 6.40 -15.32
CA PRO C 95 8.17 7.65 -15.95
C PRO C 95 6.67 7.66 -16.24
N TRP C 96 5.88 7.92 -15.21
CA TRP C 96 4.43 7.89 -15.37
C TRP C 96 3.97 8.95 -16.35
N THR C 97 2.93 8.61 -17.12
CA THR C 97 2.38 9.49 -18.12
C THR C 97 0.87 9.59 -17.93
N PHE C 98 0.32 10.74 -18.32
CA PHE C 98 -1.11 10.98 -18.25
C PHE C 98 -1.69 11.03 -19.65
N GLY C 99 -2.98 10.71 -19.74
CA GLY C 99 -3.65 10.77 -21.01
C GLY C 99 -3.89 12.19 -21.46
N GLY C 100 -4.44 12.31 -22.68
CA GLY C 100 -4.73 13.62 -23.23
C GLY C 100 -5.86 14.35 -22.53
N GLY C 101 -6.70 13.64 -21.80
CA GLY C 101 -7.81 14.25 -21.11
C GLY C 101 -9.05 14.39 -21.99
N THR C 102 -10.21 14.06 -21.43
CA THR C 102 -11.48 14.12 -22.13
C THR C 102 -12.40 15.10 -21.43
N LYS C 103 -12.99 16.01 -22.20
CA LYS C 103 -13.90 17.02 -21.67
C LYS C 103 -15.33 16.72 -22.11
N LEU C 104 -16.26 16.85 -21.18
CA LEU C 104 -17.67 16.54 -21.42
C LEU C 104 -18.45 17.83 -21.65
N GLU C 105 -19.42 17.77 -22.57
CA GLU C 105 -20.28 18.89 -22.87
C GLU C 105 -21.72 18.42 -22.95
N ILE C 106 -22.64 19.38 -22.97
CA ILE C 106 -24.06 19.10 -23.11
C ILE C 106 -24.40 19.11 -24.59
N LYS C 107 -25.39 18.32 -24.99
CA LYS C 107 -25.80 18.24 -26.39
C LYS C 107 -26.43 19.56 -26.80
N ARG C 108 -25.65 20.41 -27.46
CA ARG C 108 -26.10 21.72 -27.93
C ARG C 108 -25.11 22.19 -29.00
N THR C 109 -25.47 23.27 -29.68
CA THR C 109 -24.64 23.83 -30.73
C THR C 109 -23.29 24.30 -30.20
C1 NAG D . -5.00 0.43 1.29
C2 NAG D . -5.78 -0.50 2.21
C3 NAG D . -7.18 -0.70 1.66
C4 NAG D . -7.89 0.63 1.48
C5 NAG D . -7.03 1.63 0.69
C6 NAG D . -7.53 3.05 0.83
C7 NAG D . -5.34 -2.63 3.35
C8 NAG D . -4.57 -3.91 3.33
N2 NAG D . -5.11 -1.78 2.35
O3 NAG D . -7.93 -1.50 2.57
O4 NAG D . -9.10 0.39 0.77
O5 NAG D . -5.68 1.67 1.18
O6 NAG D . -8.00 3.63 -0.37
O7 NAG D . -6.15 -2.37 4.24
C1 NAG D . -10.22 1.17 1.27
C2 NAG D . -11.47 0.30 1.27
C3 NAG D . -12.66 1.12 1.77
C4 NAG D . -12.35 1.75 3.12
C5 NAG D . -11.02 2.50 3.08
C6 NAG D . -10.59 2.99 4.45
C7 NAG D . -11.98 0.46 -1.14
C8 NAG D . -12.22 -0.33 -2.40
N2 NAG D . -11.73 -0.27 -0.04
O3 NAG D . -13.80 0.27 1.87
O4 NAG D . -13.38 2.68 3.44
O5 NAG D . -9.98 1.65 2.60
O6 NAG D . -10.76 4.39 4.57
O7 NAG D . -12.00 1.68 -1.14
C1 FUC D . -7.58 5.01 -0.33
C2 FUC D . -8.69 5.91 0.34
C3 FUC D . -8.16 7.31 0.77
C4 FUC D . -6.72 7.30 1.33
C5 FUC D . -5.80 6.37 0.54
C6 FUC D . -5.44 6.89 -0.85
O2 FUC D . -9.36 5.29 1.43
O3 FUC D . -8.22 8.21 -0.33
O4 FUC D . -6.20 8.63 1.29
O5 FUC D . -6.36 5.08 0.36
#